data_6BOW
#
_entry.id   6BOW
#
_cell.length_a   44.259
_cell.length_b   61.333
_cell.length_c   73.119
_cell.angle_alpha   83.31
_cell.angle_beta   78.28
_cell.angle_gamma   86.96
#
_symmetry.space_group_name_H-M   'P 1'
#
loop_
_entity.id
_entity.type
_entity.pdbx_description
1 polymer 'DNA-(apurinic or apyrimidinic site) lyase'
2 polymer '21-mer DNA'
3 polymer '21-mer DNA'
4 water water
#
loop_
_entity_poly.entity_id
_entity_poly.type
_entity_poly.pdbx_seq_one_letter_code
_entity_poly.pdbx_strand_id
1 'polypeptide(L)'
;MPKRGKKGAVAEDGDELRTEPEAKKSKTAAKKNDKEAAGEGPALYEDPPDQKTSPSGKPATLKICSWNVDGLRAWIKKKG
LDWVKEEAPDILCLQETKCSENKLPAELQELPGLSHQYWSAPSDKEGYSGVGLLSRQAPLKVSYGIGDEEHDQEGRVIVA
EFDSFVLVTAYVPNAGRGLVRLEYRQRWDEAFRKFLKGLASRKPLVLCGDLNVAHEEIDLRNPKGNKKNAGFTPQERQGF
GELLQAVPLADSFRHLYPNTPYAYTFWTYMMNARSKNVGWRLDYFLLSHSLLPALCDSKIRSKALGSDHCPITLYLAL
;
A,B
2 'polydeoxyribonucleotide'
;(DG)(DC)(DT)(DG)(DA)(DT)(DG)(DC)(DG)(DT)(DV3)(DC)(DG)(DA)(DC)(DG)(DG)(DA)(DT)
(DC)(DC)
;
P
3 'polydeoxyribonucleotide'
;(DG)(DG)(DA)(DT)(DC)(DC)(DG)(DT)(DC)(DG)(DA)(DT)(DC)(DG)(DC)(DA)(DT)(DC)(DA)(DG)
(DC)
;
V
#
loop_
_chem_comp.id
_chem_comp.type
_chem_comp.name
_chem_comp.formula
DA DNA linking 2'-DEOXYADENOSINE-5'-MONOPHOSPHATE 'C10 H14 N5 O6 P'
DC DNA linking 2'-DEOXYCYTIDINE-5'-MONOPHOSPHATE 'C9 H14 N3 O7 P'
DG DNA linking 2'-DEOXYGUANOSINE-5'-MONOPHOSPHATE 'C10 H14 N5 O7 P'
DT DNA linking THYMIDINE-5'-MONOPHOSPHATE 'C10 H15 N2 O8 P'
DV3 non-polymer 1,4-anhydro-2-deoxy-5-O-thiophosphono-D-erythro-pentitol 'C5 H11 O5 P S'
#
# COMPACT_ATOMS: atom_id res chain seq x y z
N ALA A 43 10.86 36.38 -20.94
CA ALA A 43 12.25 36.46 -20.51
C ALA A 43 12.72 35.09 -20.01
N LEU A 44 13.96 34.72 -20.30
CA LEU A 44 14.52 33.51 -19.74
C LEU A 44 14.72 33.65 -18.24
N TYR A 45 14.93 32.52 -17.56
CA TYR A 45 15.09 32.54 -16.11
C TYR A 45 16.28 31.69 -15.70
N GLU A 46 17.07 32.21 -14.75
CA GLU A 46 18.20 31.48 -14.19
C GLU A 46 18.01 31.40 -12.68
N ASP A 47 17.73 30.19 -12.18
CA ASP A 47 17.56 29.99 -10.76
C ASP A 47 18.84 30.40 -10.04
N PRO A 48 18.76 31.10 -8.91
CA PRO A 48 19.98 31.50 -8.19
C PRO A 48 20.68 30.29 -7.61
N PRO A 49 21.91 30.46 -7.14
CA PRO A 49 22.64 29.34 -6.57
C PRO A 49 21.96 28.80 -5.31
N ASP A 50 22.26 27.56 -5.02
CA ASP A 50 21.69 26.90 -3.85
C ASP A 50 22.15 27.54 -2.57
N GLN A 51 21.19 27.94 -1.74
CA GLN A 51 21.47 28.42 -0.40
C GLN A 51 21.34 27.24 0.55
N LYS A 52 22.46 26.76 1.08
CA LYS A 52 22.38 25.57 1.91
C LYS A 52 22.48 25.87 3.39
N THR A 53 22.35 27.14 3.76
CA THR A 53 22.40 27.55 5.17
CA THR A 53 22.42 27.57 5.15
C THR A 53 21.16 28.36 5.49
N SER A 54 20.60 28.11 6.68
CA SER A 54 19.36 28.72 7.11
C SER A 54 19.65 30.19 7.42
N PRO A 55 18.60 30.99 7.58
CA PRO A 55 18.83 32.42 7.88
C PRO A 55 19.62 32.66 9.15
N SER A 56 19.52 31.77 10.15
CA SER A 56 20.28 31.87 11.39
C SER A 56 21.64 31.18 11.29
N GLY A 57 22.02 30.71 10.10
CA GLY A 57 23.34 30.14 9.90
C GLY A 57 23.47 28.64 10.08
N LYS A 58 22.34 27.88 10.21
CA LYS A 58 22.47 26.43 10.37
C LYS A 58 22.54 25.71 9.02
N PRO A 59 23.34 24.63 8.91
CA PRO A 59 23.47 23.94 7.62
C PRO A 59 22.29 23.02 7.30
N ALA A 60 21.92 23.02 6.03
CA ALA A 60 20.88 22.07 5.57
C ALA A 60 21.28 20.64 5.94
N THR A 61 20.31 19.86 6.40
CA THR A 61 20.51 18.44 6.68
C THR A 61 19.64 17.54 5.83
N LEU A 62 18.69 18.11 5.11
CA LEU A 62 17.66 17.30 4.45
C LEU A 62 17.39 17.93 3.09
N LYS A 63 17.46 17.12 2.03
CA LYS A 63 17.24 17.59 0.67
C LYS A 63 16.10 16.79 0.08
N ILE A 64 14.99 17.46 -0.26
CA ILE A 64 13.83 16.76 -0.83
C ILE A 64 13.66 17.23 -2.29
N CYS A 65 13.34 16.31 -3.20
CA CYS A 65 13.13 16.71 -4.58
C CYS A 65 11.76 16.19 -4.99
N SER A 66 11.05 17.00 -5.77
CA SER A 66 9.76 16.56 -6.29
C SER A 66 9.77 16.71 -7.79
N TRP A 67 9.12 15.80 -8.51
CA TRP A 67 9.18 15.86 -9.97
C TRP A 67 7.97 15.16 -10.56
N ASN A 68 7.16 15.91 -11.31
CA ASN A 68 6.17 15.28 -12.18
C ASN A 68 6.92 14.80 -13.42
N VAL A 69 6.99 13.48 -13.57
CA VAL A 69 7.89 12.87 -14.56
C VAL A 69 7.22 12.57 -15.90
N ASP A 70 5.90 12.76 -16.02
CA ASP A 70 5.18 12.56 -17.30
C ASP A 70 5.42 11.17 -17.88
N GLY A 71 5.21 10.16 -17.05
CA GLY A 71 5.45 8.78 -17.46
C GLY A 71 6.80 8.34 -16.98
N LEU A 72 6.80 7.57 -15.89
CA LEU A 72 8.03 7.12 -15.26
C LEU A 72 8.89 6.30 -16.22
N ARG A 73 8.28 5.38 -16.97
CA ARG A 73 9.07 4.57 -17.88
C ARG A 73 9.72 5.41 -18.97
N ALA A 74 8.98 6.36 -19.54
CA ALA A 74 9.54 7.26 -20.55
C ALA A 74 10.61 8.14 -19.94
N TRP A 75 10.35 8.62 -18.75
CA TRP A 75 11.28 9.51 -18.07
C TRP A 75 12.62 8.81 -17.83
N ILE A 76 12.57 7.54 -17.40
CA ILE A 76 13.79 6.76 -17.22
C ILE A 76 14.55 6.62 -18.54
N LYS A 77 13.83 6.34 -19.63
CA LYS A 77 14.50 6.24 -20.94
C LYS A 77 15.15 7.57 -21.34
N LYS A 78 14.62 8.70 -20.86
CA LYS A 78 15.17 10.02 -21.17
C LYS A 78 16.19 10.48 -20.12
N LYS A 79 16.71 9.53 -19.33
CA LYS A 79 17.84 9.70 -18.41
C LYS A 79 17.45 10.46 -17.14
N GLY A 80 16.15 10.48 -16.82
CA GLY A 80 15.70 11.17 -15.62
C GLY A 80 16.39 10.68 -14.36
N LEU A 81 16.62 9.36 -14.26
CA LEU A 81 17.29 8.80 -13.09
C LEU A 81 18.77 9.21 -13.01
N ASP A 82 19.42 9.43 -14.15
CA ASP A 82 20.78 9.97 -14.10
C ASP A 82 20.78 11.35 -13.42
N TRP A 83 19.76 12.17 -13.73
CA TRP A 83 19.68 13.48 -13.08
C TRP A 83 19.41 13.34 -11.57
N VAL A 84 18.50 12.43 -11.19
CA VAL A 84 18.23 12.20 -9.76
C VAL A 84 19.51 11.82 -9.01
N LYS A 85 20.31 10.94 -9.61
CA LYS A 85 21.57 10.54 -8.97
C LYS A 85 22.52 11.73 -8.79
N GLU A 86 22.58 12.64 -9.76
CA GLU A 86 23.42 13.84 -9.58
C GLU A 86 22.87 14.76 -8.50
N GLU A 87 21.54 14.80 -8.34
CA GLU A 87 20.94 15.66 -7.34
C GLU A 87 21.04 15.07 -5.94
N ALA A 88 21.06 13.78 -5.85
CA ALA A 88 21.23 13.02 -4.63
C ALA A 88 20.35 13.52 -3.49
N PRO A 89 19.05 13.64 -3.70
CA PRO A 89 18.18 13.95 -2.58
C PRO A 89 18.09 12.84 -1.58
N ASP A 90 17.76 13.23 -0.35
CA ASP A 90 17.32 12.27 0.68
C ASP A 90 15.93 11.65 0.44
N ILE A 91 15.05 12.43 -0.13
CA ILE A 91 13.68 11.99 -0.42
C ILE A 91 13.33 12.48 -1.81
N LEU A 92 12.72 11.61 -2.60
CA LEU A 92 12.28 11.90 -3.95
C LEU A 92 10.79 11.62 -4.06
N CYS A 93 10.04 12.63 -4.47
CA CYS A 93 8.60 12.48 -4.69
C CYS A 93 8.32 12.61 -6.18
N LEU A 94 7.57 11.65 -6.74
CA LEU A 94 7.29 11.62 -8.16
C LEU A 94 5.78 11.67 -8.38
N GLN A 95 5.38 12.39 -9.42
CA GLN A 95 3.97 12.41 -9.84
C GLN A 95 3.84 12.04 -11.30
N GLU A 96 2.63 11.61 -11.66
CA GLU A 96 2.31 11.13 -13.02
C GLU A 96 3.25 9.98 -13.43
N THR A 97 3.32 8.96 -12.60
CA THR A 97 4.16 7.82 -12.94
C THR A 97 3.60 7.01 -14.09
N LYS A 98 2.28 6.94 -14.23
CA LYS A 98 1.69 6.11 -15.30
C LYS A 98 2.28 4.70 -15.33
N CYS A 99 2.43 4.10 -14.16
CA CYS A 99 3.09 2.79 -14.11
C CYS A 99 2.67 2.08 -12.84
N SER A 100 2.16 0.86 -12.99
CA SER A 100 1.86 0.06 -11.81
C SER A 100 3.15 -0.57 -11.29
N GLU A 101 3.11 -0.97 -10.01
CA GLU A 101 4.35 -1.37 -9.34
C GLU A 101 5.01 -2.55 -10.03
N ASN A 102 4.21 -3.46 -10.59
CA ASN A 102 4.77 -4.64 -11.23
C ASN A 102 5.58 -4.30 -12.46
N LYS A 103 5.42 -3.08 -13.02
CA LYS A 103 6.15 -2.69 -14.23
C LYS A 103 7.23 -1.62 -13.99
N LEU A 104 7.57 -1.36 -12.73
CA LEU A 104 8.67 -0.43 -12.46
C LEU A 104 9.97 -0.94 -13.07
N PRO A 105 10.66 -0.13 -13.87
CA PRO A 105 11.91 -0.57 -14.47
C PRO A 105 12.96 -0.98 -13.47
N ALA A 106 13.86 -1.84 -13.95
CA ALA A 106 14.84 -2.41 -13.06
C ALA A 106 15.81 -1.35 -12.53
N GLU A 107 15.91 -0.19 -13.20
CA GLU A 107 16.81 0.86 -12.72
C GLU A 107 16.39 1.32 -11.33
N LEU A 108 15.11 1.18 -11.01
CA LEU A 108 14.60 1.66 -9.73
C LEU A 108 15.04 0.80 -8.54
N GLN A 109 15.43 -0.46 -8.70
CA GLN A 109 16.05 -1.18 -7.58
C GLN A 109 17.57 -1.11 -7.60
N GLU A 110 18.16 -0.20 -8.38
CA GLU A 110 19.60 0.08 -8.34
C GLU A 110 19.88 1.43 -7.67
N LEU A 111 18.99 1.85 -6.77
CA LEU A 111 19.08 3.14 -6.09
C LEU A 111 19.31 2.87 -4.61
N PRO A 112 20.56 2.67 -4.19
CA PRO A 112 20.82 2.28 -2.80
C PRO A 112 20.60 3.41 -1.82
N GLY A 113 20.64 4.64 -2.31
CA GLY A 113 20.43 5.81 -1.48
C GLY A 113 18.99 6.23 -1.42
N LEU A 114 18.15 5.54 -2.18
CA LEU A 114 16.71 5.81 -2.20
C LEU A 114 15.96 4.48 -2.16
N SER A 115 16.28 3.65 -1.17
CA SER A 115 15.90 2.25 -1.22
C SER A 115 14.54 1.97 -0.61
N HIS A 116 13.96 2.90 0.14
CA HIS A 116 12.63 2.76 0.71
C HIS A 116 11.64 3.44 -0.24
N GLN A 117 10.83 2.65 -0.95
CA GLN A 117 10.02 3.14 -2.05
C GLN A 117 8.56 2.74 -1.85
N TYR A 118 7.66 3.71 -2.03
CA TYR A 118 6.22 3.55 -1.83
C TYR A 118 5.52 4.10 -3.06
N TRP A 119 4.57 3.34 -3.59
CA TRP A 119 3.95 3.67 -4.87
C TRP A 119 2.43 3.59 -4.77
N SER A 120 1.74 4.53 -5.41
CA SER A 120 0.28 4.51 -5.40
C SER A 120 -0.25 4.85 -6.79
N ALA A 121 -1.21 4.08 -7.30
CA ALA A 121 -1.80 4.32 -8.61
C ALA A 121 -3.30 4.15 -8.51
N PRO A 122 -4.08 4.77 -9.41
CA PRO A 122 -5.52 4.50 -9.40
C PRO A 122 -5.77 3.03 -9.72
N SER A 123 -6.75 2.47 -9.05
CA SER A 123 -7.15 1.08 -9.25
C SER A 123 -7.84 0.86 -10.61
N GLY A 127 -2.71 3.26 -16.52
CA GLY A 127 -1.54 3.90 -17.10
C GLY A 127 -1.68 5.41 -17.12
N TYR A 128 -2.48 5.93 -16.18
CA TYR A 128 -2.60 7.36 -15.94
C TYR A 128 -2.28 7.63 -14.47
N SER A 129 -2.02 8.91 -14.15
CA SER A 129 -1.94 9.31 -12.75
C SER A 129 -0.73 8.69 -12.03
N GLY A 130 -0.93 8.31 -10.77
CA GLY A 130 0.14 7.64 -10.03
C GLY A 130 1.21 8.51 -9.43
N VAL A 131 1.61 8.19 -8.19
CA VAL A 131 2.64 8.94 -7.47
C VAL A 131 3.55 7.93 -6.75
N GLY A 132 4.71 8.43 -6.39
CA GLY A 132 5.74 7.61 -5.78
C GLY A 132 6.48 8.43 -4.75
N LEU A 133 6.97 7.75 -3.72
CA LEU A 133 7.85 8.40 -2.75
C LEU A 133 9.01 7.46 -2.47
N LEU A 134 10.22 7.99 -2.53
CA LEU A 134 11.43 7.17 -2.40
C LEU A 134 12.28 7.88 -1.37
N SER A 135 12.87 7.12 -0.43
CA SER A 135 13.56 7.80 0.66
CA SER A 135 13.51 7.77 0.71
C SER A 135 14.77 7.02 1.12
N ARG A 136 15.79 7.79 1.51
CA ARG A 136 17.04 7.22 2.01
C ARG A 136 16.79 6.41 3.27
N GLN A 137 16.06 6.97 4.21
CA GLN A 137 15.71 6.32 5.47
C GLN A 137 14.25 5.93 5.44
N ALA A 138 13.94 4.82 6.14
CA ALA A 138 12.56 4.37 6.23
C ALA A 138 11.72 5.39 6.97
N PRO A 139 10.58 5.79 6.43
CA PRO A 139 9.63 6.57 7.24
C PRO A 139 9.08 5.72 8.39
N LEU A 140 8.55 6.43 9.40
CA LEU A 140 7.90 5.75 10.51
C LEU A 140 6.56 5.17 10.12
N LYS A 141 5.81 5.89 9.29
CA LYS A 141 4.47 5.51 8.87
C LYS A 141 4.29 5.97 7.44
N VAL A 142 3.53 5.19 6.65
CA VAL A 142 3.17 5.59 5.29
C VAL A 142 1.70 5.25 5.10
N SER A 143 0.96 6.17 4.51
CA SER A 143 -0.44 5.91 4.15
C SER A 143 -0.75 6.55 2.80
N TYR A 144 -1.87 6.16 2.22
CA TYR A 144 -2.24 6.56 0.87
C TYR A 144 -3.63 7.17 0.85
N GLY A 145 -3.78 8.20 0.05
CA GLY A 145 -5.07 8.85 -0.15
C GLY A 145 -5.38 9.89 0.92
N ILE A 146 -6.60 10.41 0.86
CA ILE A 146 -6.98 11.55 1.71
C ILE A 146 -8.18 11.22 2.60
N GLU A 154 -7.28 6.40 -5.61
CA GLU A 154 -7.12 7.44 -6.63
C GLU A 154 -5.66 7.63 -7.07
N GLY A 155 -4.72 7.20 -6.22
CA GLY A 155 -3.32 7.20 -6.61
C GLY A 155 -2.74 8.58 -6.71
N ARG A 156 -3.14 9.49 -5.84
CA ARG A 156 -2.72 10.88 -5.95
C ARG A 156 -1.96 11.40 -4.74
N VAL A 157 -2.07 10.75 -3.59
CA VAL A 157 -1.50 11.29 -2.36
C VAL A 157 -0.77 10.18 -1.60
N ILE A 158 0.46 10.48 -1.14
CA ILE A 158 1.17 9.63 -0.19
C ILE A 158 1.53 10.48 1.00
N VAL A 159 1.31 9.95 2.18
CA VAL A 159 1.65 10.62 3.43
C VAL A 159 2.70 9.76 4.11
N ALA A 160 3.82 10.38 4.51
CA ALA A 160 4.93 9.67 5.16
C ALA A 160 5.37 10.48 6.37
N GLU A 161 5.33 9.85 7.56
CA GLU A 161 5.78 10.49 8.78
C GLU A 161 7.23 10.13 9.03
N PHE A 162 8.05 11.14 9.26
CA PHE A 162 9.45 11.03 9.62
C PHE A 162 9.62 11.48 11.06
N ASP A 163 10.85 11.43 11.57
CA ASP A 163 11.12 11.79 12.96
C ASP A 163 10.56 13.14 13.34
N SER A 164 10.85 14.17 12.55
CA SER A 164 10.52 15.53 12.97
C SER A 164 9.51 16.23 12.06
N PHE A 165 8.95 15.53 11.07
CA PHE A 165 7.98 16.23 10.23
C PHE A 165 7.18 15.18 9.50
N VAL A 166 6.05 15.61 8.96
CA VAL A 166 5.21 14.80 8.08
C VAL A 166 5.33 15.33 6.68
N LEU A 167 5.52 14.42 5.71
CA LEU A 167 5.63 14.78 4.30
C LEU A 167 4.37 14.29 3.61
N VAL A 168 3.75 15.18 2.87
CA VAL A 168 2.64 14.80 2.00
C VAL A 168 3.08 15.10 0.58
N THR A 169 2.96 14.13 -0.33
CA THR A 169 3.16 14.45 -1.72
C THR A 169 1.85 14.26 -2.44
N ALA A 170 1.56 15.19 -3.35
CA ALA A 170 0.25 15.17 -4.02
C ALA A 170 0.38 15.44 -5.48
N TYR A 171 -0.52 14.83 -6.24
CA TYR A 171 -0.72 15.11 -7.64
C TYR A 171 -2.19 15.54 -7.75
N VAL A 172 -2.41 16.86 -7.67
CA VAL A 172 -3.77 17.40 -7.53
C VAL A 172 -4.54 17.22 -8.84
N PRO A 173 -5.84 16.89 -8.80
CA PRO A 173 -6.59 16.72 -10.05
C PRO A 173 -6.62 17.99 -10.91
N ASN A 174 -6.45 17.80 -12.21
CA ASN A 174 -6.46 18.88 -13.18
C ASN A 174 -7.92 19.26 -13.48
N ALA A 175 -8.19 20.56 -13.60
CA ALA A 175 -9.59 20.95 -13.93
C ALA A 175 -9.99 20.55 -15.34
N GLY A 176 -9.05 20.24 -16.21
CA GLY A 176 -9.40 19.69 -17.53
C GLY A 176 -9.52 20.74 -18.62
N ARG A 177 -9.33 20.29 -19.85
CA ARG A 177 -9.65 21.14 -21.00
C ARG A 177 -11.12 21.56 -20.95
N GLY A 178 -11.35 22.82 -21.24
CA GLY A 178 -12.67 23.42 -21.13
C GLY A 178 -13.27 23.45 -19.74
N LEU A 179 -12.46 23.21 -18.70
CA LEU A 179 -12.90 23.21 -17.30
C LEU A 179 -13.96 22.12 -17.00
N VAL A 180 -13.99 21.05 -17.82
CA VAL A 180 -14.98 20.00 -17.64
CA VAL A 180 -15.01 20.02 -17.62
C VAL A 180 -14.91 19.36 -16.25
N ARG A 181 -13.77 19.37 -15.60
CA ARG A 181 -13.65 18.83 -14.25
C ARG A 181 -13.38 19.86 -13.16
N LEU A 182 -13.64 21.12 -13.43
CA LEU A 182 -13.40 22.17 -12.44
C LEU A 182 -14.18 21.93 -11.15
N GLU A 183 -15.49 21.58 -11.25
CA GLU A 183 -16.22 21.39 -10.00
C GLU A 183 -15.67 20.23 -9.19
N TYR A 184 -15.23 19.16 -9.85
CA TYR A 184 -14.62 18.08 -9.10
C TYR A 184 -13.36 18.56 -8.40
N ARG A 185 -12.57 19.36 -9.11
CA ARG A 185 -11.35 19.90 -8.53
C ARG A 185 -11.70 20.74 -7.30
N GLN A 186 -12.76 21.53 -7.37
CA GLN A 186 -13.07 22.37 -6.22
C GLN A 186 -13.48 21.51 -5.03
N ARG A 187 -14.30 20.47 -5.28
CA ARG A 187 -14.70 19.56 -4.21
C ARG A 187 -13.50 18.81 -3.66
N TRP A 188 -12.57 18.43 -4.54
CA TRP A 188 -11.35 17.77 -4.10
C TRP A 188 -10.51 18.70 -3.22
N ASP A 189 -10.32 19.97 -3.66
CA ASP A 189 -9.56 20.95 -2.87
C ASP A 189 -10.11 20.99 -1.45
N GLU A 190 -11.43 21.10 -1.34
CA GLU A 190 -12.04 21.23 -0.01
C GLU A 190 -11.78 19.99 0.84
N ALA A 191 -11.91 18.80 0.24
CA ALA A 191 -11.65 17.57 0.99
C ALA A 191 -10.17 17.47 1.38
N PHE A 192 -9.29 17.92 0.51
CA PHE A 192 -7.85 17.83 0.78
C PHE A 192 -7.46 18.73 1.95
N ARG A 193 -7.96 19.97 1.93
CA ARG A 193 -7.70 20.90 3.04
C ARG A 193 -8.14 20.29 4.36
N LYS A 194 -9.37 19.80 4.42
CA LYS A 194 -9.87 19.17 5.63
C LYS A 194 -9.01 17.99 6.05
N PHE A 195 -8.59 17.17 5.07
CA PHE A 195 -7.71 16.05 5.39
C PHE A 195 -6.41 16.54 6.05
N LEU A 196 -5.72 17.48 5.42
CA LEU A 196 -4.45 17.98 5.95
C LEU A 196 -4.64 18.62 7.32
N LYS A 197 -5.66 19.47 7.47
CA LYS A 197 -5.94 20.04 8.79
C LYS A 197 -6.05 18.93 9.83
N GLY A 198 -6.87 17.92 9.53
CA GLY A 198 -7.14 16.83 10.46
C GLY A 198 -6.07 15.78 10.65
N LEU A 199 -4.86 16.04 10.14
CA LEU A 199 -3.73 15.14 10.40
C LEU A 199 -3.45 15.09 11.88
N ALA A 200 -3.35 13.87 12.43
CA ALA A 200 -3.32 13.68 13.88
C ALA A 200 -2.02 14.17 14.50
N SER A 201 -0.90 14.00 13.80
CA SER A 201 0.41 14.38 14.32
C SER A 201 0.47 15.89 14.62
N ARG A 202 1.14 16.23 15.72
CA ARG A 202 1.49 17.61 16.02
C ARG A 202 2.79 18.02 15.34
N LYS A 203 3.36 17.13 14.52
CA LYS A 203 4.58 17.45 13.80
C LYS A 203 4.27 18.42 12.65
N PRO A 204 5.24 19.25 12.30
CA PRO A 204 5.06 20.15 11.16
C PRO A 204 4.96 19.39 9.85
N LEU A 205 4.40 20.08 8.87
CA LEU A 205 4.03 19.51 7.59
C LEU A 205 4.89 20.10 6.48
N VAL A 206 5.33 19.21 5.58
CA VAL A 206 5.84 19.63 4.28
C VAL A 206 4.89 19.01 3.26
N LEU A 207 4.28 19.85 2.43
CA LEU A 207 3.44 19.37 1.33
C LEU A 207 4.13 19.69 0.01
N CYS A 208 4.34 18.68 -0.82
CA CYS A 208 5.02 18.96 -2.07
C CYS A 208 4.34 18.25 -3.23
N GLY A 209 4.60 18.74 -4.40
CA GLY A 209 4.11 18.04 -5.59
C GLY A 209 3.53 18.98 -6.62
N ASP A 210 2.72 18.39 -7.50
CA ASP A 210 2.12 19.14 -8.59
C ASP A 210 0.73 19.52 -8.10
N LEU A 211 0.59 20.79 -7.69
CA LEU A 211 -0.67 21.26 -7.13
C LEU A 211 -1.57 21.83 -8.22
N ASN A 212 -1.11 21.85 -9.47
CA ASN A 212 -1.97 22.11 -10.66
C ASN A 212 -2.70 23.44 -10.53
N VAL A 213 -1.98 24.44 -10.04
CA VAL A 213 -2.47 25.81 -10.05
C VAL A 213 -1.27 26.73 -9.99
N ALA A 214 -1.32 27.79 -10.79
CA ALA A 214 -0.43 28.95 -10.66
C ALA A 214 -1.13 29.96 -9.75
N HIS A 215 -0.58 30.18 -8.56
CA HIS A 215 -1.31 30.93 -7.53
C HIS A 215 -1.66 32.33 -8.01
N GLU A 216 -0.67 33.05 -8.51
CA GLU A 216 -0.83 34.48 -8.82
C GLU A 216 -0.29 34.77 -10.21
N GLU A 217 -0.57 36.00 -10.70
CA GLU A 217 -0.16 36.31 -12.07
C GLU A 217 1.35 36.12 -12.27
N ILE A 218 2.14 36.35 -11.22
CA ILE A 218 3.59 36.18 -11.33
C ILE A 218 3.99 34.72 -11.55
N ASP A 219 3.08 33.78 -11.30
CA ASP A 219 3.37 32.37 -11.44
C ASP A 219 3.14 31.79 -12.84
N LEU A 220 2.86 32.61 -13.86
CA LEU A 220 2.80 32.05 -15.21
C LEU A 220 3.03 33.17 -16.22
N ARG A 221 3.42 32.77 -17.44
CA ARG A 221 3.89 33.77 -18.40
C ARG A 221 2.74 34.58 -19.00
N ASN A 222 1.58 33.94 -19.21
CA ASN A 222 0.43 34.58 -19.89
C ASN A 222 -0.81 34.60 -18.99
N PRO A 223 -0.77 35.36 -17.89
CA PRO A 223 -1.91 35.38 -16.97
C PRO A 223 -3.20 35.88 -17.60
N LYS A 224 -3.13 36.94 -18.41
CA LYS A 224 -4.35 37.52 -18.99
C LYS A 224 -5.10 36.48 -19.81
N GLY A 225 -4.43 35.85 -20.77
CA GLY A 225 -5.10 34.94 -21.67
C GLY A 225 -5.47 33.60 -21.06
N ASN A 226 -5.09 33.33 -19.81
CA ASN A 226 -5.30 32.01 -19.21
C ASN A 226 -6.25 32.03 -18.03
N LYS A 227 -7.01 33.10 -17.83
CA LYS A 227 -7.84 33.14 -16.65
C LYS A 227 -9.10 32.28 -16.75
N LYS A 228 -9.41 31.72 -17.92
CA LYS A 228 -10.43 30.69 -18.06
C LYS A 228 -9.84 29.33 -18.38
N ASN A 229 -8.56 29.13 -18.08
CA ASN A 229 -7.86 27.88 -18.38
C ASN A 229 -7.59 27.14 -17.08
N ALA A 230 -7.61 25.79 -17.16
CA ALA A 230 -7.18 24.94 -16.07
C ALA A 230 -5.84 25.42 -15.54
N GLY A 231 -5.72 25.47 -14.21
CA GLY A 231 -4.52 25.95 -13.54
C GLY A 231 -4.48 27.43 -13.24
N PHE A 232 -5.40 28.24 -13.82
CA PHE A 232 -5.38 29.66 -13.47
C PHE A 232 -6.80 30.21 -13.36
N THR A 233 -7.76 29.36 -13.08
CA THR A 233 -9.12 29.90 -12.86
C THR A 233 -9.19 30.61 -11.50
N PRO A 234 -10.07 31.59 -11.35
CA PRO A 234 -10.22 32.18 -10.01
C PRO A 234 -10.56 31.16 -8.96
N GLN A 235 -11.26 30.06 -9.35
CA GLN A 235 -11.65 29.03 -8.41
C GLN A 235 -10.42 28.25 -7.90
N GLU A 236 -9.51 27.91 -8.80
CA GLU A 236 -8.32 27.18 -8.39
C GLU A 236 -7.38 28.07 -7.60
N ARG A 237 -7.26 29.32 -8.01
CA ARG A 237 -6.42 30.26 -7.27
C ARG A 237 -6.95 30.45 -5.86
N GLN A 238 -8.27 30.62 -5.73
CA GLN A 238 -8.88 30.74 -4.42
C GLN A 238 -8.61 29.52 -3.56
N GLY A 239 -8.78 28.31 -4.12
CA GLY A 239 -8.54 27.12 -3.32
C GLY A 239 -7.11 27.05 -2.80
N PHE A 240 -6.15 27.48 -3.61
CA PHE A 240 -4.75 27.52 -3.14
C PHE A 240 -4.62 28.51 -1.99
N GLY A 241 -5.20 29.70 -2.14
CA GLY A 241 -5.18 30.64 -1.00
C GLY A 241 -5.82 30.05 0.25
N GLU A 242 -6.95 29.37 0.10
CA GLU A 242 -7.55 28.76 1.28
C GLU A 242 -6.69 27.67 1.87
N LEU A 243 -6.00 26.89 1.03
CA LEU A 243 -5.10 25.88 1.56
C LEU A 243 -4.06 26.53 2.46
N LEU A 244 -3.45 27.63 1.98
CA LEU A 244 -2.43 28.31 2.77
C LEU A 244 -2.99 28.86 4.05
N GLN A 245 -4.20 29.42 4.00
CA GLN A 245 -4.76 30.03 5.19
C GLN A 245 -5.22 28.99 6.18
N ALA A 246 -5.80 27.90 5.69
CA ALA A 246 -6.54 27.00 6.55
C ALA A 246 -5.64 26.02 7.30
N VAL A 247 -4.51 25.65 6.74
CA VAL A 247 -3.77 24.54 7.31
C VAL A 247 -2.98 24.89 8.59
N PRO A 248 -2.20 25.98 8.61
CA PRO A 248 -1.76 26.92 7.57
C PRO A 248 -0.44 26.50 6.94
N LEU A 249 -0.10 27.11 5.80
CA LEU A 249 1.14 26.77 5.11
C LEU A 249 1.70 28.00 4.43
N ALA A 250 3.01 27.98 4.19
CA ALA A 250 3.68 29.00 3.41
C ALA A 250 4.26 28.42 2.13
N ASP A 251 4.29 29.23 1.08
CA ASP A 251 4.83 28.82 -0.20
C ASP A 251 6.35 29.07 -0.14
N SER A 252 7.14 27.99 -0.07
CA SER A 252 8.56 28.14 0.26
C SER A 252 9.27 29.04 -0.76
N PHE A 253 9.11 28.78 -2.04
CA PHE A 253 9.73 29.57 -3.06
C PHE A 253 9.35 31.06 -2.99
N ARG A 254 8.07 31.34 -2.90
CA ARG A 254 7.57 32.70 -2.84
C ARG A 254 8.00 33.39 -1.56
N HIS A 255 8.08 32.68 -0.45
CA HIS A 255 8.59 33.27 0.78
C HIS A 255 10.00 33.82 0.59
N LEU A 256 10.83 33.09 -0.15
CA LEU A 256 12.23 33.48 -0.33
C LEU A 256 12.42 34.45 -1.50
N TYR A 257 11.54 34.38 -2.49
CA TYR A 257 11.70 35.12 -3.74
C TYR A 257 10.36 35.79 -4.09
N PRO A 258 9.89 36.70 -3.24
CA PRO A 258 8.50 37.19 -3.36
C PRO A 258 8.23 38.00 -4.59
N ASN A 259 9.24 38.57 -5.23
CA ASN A 259 9.02 39.44 -6.38
C ASN A 259 9.72 38.94 -7.64
N THR A 260 10.09 37.66 -7.68
CA THR A 260 10.82 37.13 -8.82
C THR A 260 9.88 36.59 -9.89
N PRO A 261 9.83 37.19 -11.07
CA PRO A 261 9.00 36.66 -12.16
C PRO A 261 9.73 35.61 -13.00
N TYR A 262 8.97 35.01 -13.92
CA TYR A 262 9.48 34.10 -14.96
C TYR A 262 10.07 32.80 -14.38
N ALA A 263 9.72 32.47 -13.15
CA ALA A 263 10.17 31.24 -12.46
C ALA A 263 9.05 30.20 -12.57
N TYR A 264 9.21 29.21 -13.46
CA TYR A 264 8.17 28.24 -13.80
C TYR A 264 8.67 26.82 -13.61
N THR A 265 7.73 25.88 -13.53
CA THR A 265 8.09 24.48 -13.38
C THR A 265 7.42 23.59 -14.43
N PHE A 266 6.62 24.18 -15.35
CA PHE A 266 5.89 23.48 -16.39
C PHE A 266 5.88 24.33 -17.65
N TRP A 267 6.03 23.68 -18.80
CA TRP A 267 5.93 24.31 -20.12
C TRP A 267 5.25 23.29 -21.01
N THR A 268 4.18 23.73 -21.69
CA THR A 268 3.54 22.83 -22.62
C THR A 268 4.55 22.37 -23.67
N TYR A 269 4.43 21.10 -24.06
CA TYR A 269 5.27 20.56 -25.12
C TYR A 269 5.02 21.25 -26.45
N MET A 270 3.86 21.84 -26.62
CA MET A 270 3.49 22.46 -27.89
C MET A 270 4.22 23.79 -28.07
N MET A 271 4.37 24.20 -29.33
CA MET A 271 4.79 25.57 -29.69
C MET A 271 6.15 25.95 -29.11
N ASN A 272 7.01 24.97 -28.82
CA ASN A 272 8.35 25.21 -28.27
C ASN A 272 8.29 26.12 -27.04
N ALA A 273 7.29 25.91 -26.20
CA ALA A 273 7.10 26.82 -25.07
C ALA A 273 8.32 26.85 -24.14
N ARG A 274 8.94 25.69 -23.89
CA ARG A 274 10.05 25.70 -22.92
C ARG A 274 11.24 26.50 -23.45
N SER A 275 11.52 26.43 -24.76
CA SER A 275 12.64 27.18 -25.35
C SER A 275 12.45 28.67 -25.20
N LYS A 276 11.20 29.12 -25.09
CA LYS A 276 10.86 30.51 -24.88
C LYS A 276 10.57 30.83 -23.42
N ASN A 277 10.72 29.85 -22.52
CA ASN A 277 10.32 30.01 -21.11
C ASN A 277 8.90 30.59 -20.96
N VAL A 278 7.98 30.11 -21.80
CA VAL A 278 6.56 30.42 -21.65
C VAL A 278 6.00 29.28 -20.81
N GLY A 279 5.96 29.50 -19.50
CA GLY A 279 5.61 28.43 -18.59
C GLY A 279 4.71 28.85 -17.44
N TRP A 280 4.50 27.91 -16.52
CA TRP A 280 3.66 28.05 -15.34
C TRP A 280 4.38 27.45 -14.13
N ARG A 281 4.16 28.02 -12.94
CA ARG A 281 4.70 27.44 -11.70
C ARG A 281 3.56 26.64 -11.08
N LEU A 282 3.59 25.30 -11.29
CA LEU A 282 2.55 24.37 -10.83
C LEU A 282 3.01 23.50 -9.67
N ASP A 283 4.32 23.46 -9.38
CA ASP A 283 4.91 22.51 -8.46
C ASP A 283 5.52 23.28 -7.29
N TYR A 284 5.24 22.85 -6.06
CA TYR A 284 5.50 23.66 -4.88
C TYR A 284 6.03 22.81 -3.75
N PHE A 285 6.76 23.48 -2.82
CA PHE A 285 6.92 22.97 -1.46
C PHE A 285 6.21 23.95 -0.54
N LEU A 286 5.19 23.49 0.16
CA LEU A 286 4.46 24.27 1.13
C LEU A 286 4.84 23.79 2.51
N LEU A 287 5.15 24.72 3.42
CA LEU A 287 5.66 24.39 4.74
C LEU A 287 4.81 24.96 5.88
N SER A 288 4.68 24.20 6.97
CA SER A 288 4.19 24.81 8.21
C SER A 288 5.03 26.04 8.59
N HIS A 289 4.38 27.01 9.27
CA HIS A 289 5.08 28.23 9.69
C HIS A 289 6.31 27.91 10.51
N SER A 290 6.21 26.92 11.42
CA SER A 290 7.30 26.59 12.32
C SER A 290 8.52 26.05 11.59
N LEU A 291 8.36 25.59 10.36
CA LEU A 291 9.53 25.17 9.60
C LEU A 291 10.24 26.30 8.85
N LEU A 292 9.66 27.51 8.76
CA LEU A 292 10.37 28.60 8.08
C LEU A 292 11.77 28.89 8.66
N PRO A 293 11.99 28.88 9.96
CA PRO A 293 13.36 29.08 10.45
C PRO A 293 14.34 28.01 9.95
N ALA A 294 13.82 26.83 9.54
CA ALA A 294 14.65 25.76 8.99
C ALA A 294 14.80 25.84 7.48
N LEU A 295 14.10 26.75 6.81
CA LEU A 295 14.12 26.78 5.36
C LEU A 295 15.44 27.39 4.88
N CYS A 296 16.19 26.64 4.07
CA CYS A 296 17.41 27.18 3.48
C CYS A 296 17.19 27.68 2.08
N ASP A 297 16.52 26.87 1.23
CA ASP A 297 16.31 27.29 -0.13
C ASP A 297 15.23 26.40 -0.71
N SER A 298 14.64 26.92 -1.76
CA SER A 298 13.62 26.22 -2.55
C SER A 298 13.93 26.48 -4.01
N LYS A 299 14.36 25.42 -4.72
CA LYS A 299 14.97 25.54 -6.05
C LYS A 299 14.00 25.12 -7.15
N ILE A 300 14.25 25.65 -8.35
CA ILE A 300 13.53 25.24 -9.56
C ILE A 300 14.61 24.77 -10.54
N ARG A 301 14.64 23.46 -10.81
CA ARG A 301 15.74 22.88 -11.59
C ARG A 301 15.43 22.94 -13.07
N SER A 302 15.55 24.17 -13.59
CA SER A 302 15.04 24.48 -14.92
C SER A 302 15.68 23.68 -16.02
N LYS A 303 16.96 23.27 -15.84
CA LYS A 303 17.67 22.64 -16.93
C LYS A 303 17.44 21.14 -17.02
N ALA A 304 16.78 20.54 -16.04
CA ALA A 304 16.63 19.09 -16.01
C ALA A 304 15.51 18.67 -16.96
N LEU A 305 15.84 17.92 -17.99
CA LEU A 305 14.86 17.57 -18.98
C LEU A 305 14.30 16.18 -18.64
N GLY A 306 13.40 15.71 -19.49
CA GLY A 306 12.81 14.39 -19.32
C GLY A 306 11.29 14.41 -19.16
N SER A 307 10.70 15.58 -18.95
CA SER A 307 9.27 15.71 -18.73
C SER A 307 8.85 17.08 -19.25
N ASP A 308 7.54 17.40 -19.16
CA ASP A 308 7.14 18.79 -19.36
C ASP A 308 7.10 19.61 -18.06
N HIS A 309 7.40 18.99 -16.91
CA HIS A 309 7.75 19.67 -15.67
C HIS A 309 9.23 19.48 -15.39
N CYS A 310 9.77 20.44 -14.68
CA CYS A 310 11.13 20.26 -14.20
C CYS A 310 11.08 19.90 -12.74
N PRO A 311 12.16 19.37 -12.17
CA PRO A 311 12.18 19.09 -10.73
C PRO A 311 12.22 20.36 -9.91
N ILE A 312 11.77 20.23 -8.67
CA ILE A 312 11.98 21.27 -7.65
C ILE A 312 12.64 20.66 -6.42
N THR A 313 13.47 21.44 -5.73
CA THR A 313 14.26 20.87 -4.62
C THR A 313 14.24 21.76 -3.40
N LEU A 314 14.01 21.17 -2.23
CA LEU A 314 13.94 21.88 -0.96
C LEU A 314 15.15 21.50 -0.11
N TYR A 315 15.77 22.50 0.55
CA TYR A 315 16.81 22.24 1.53
C TYR A 315 16.31 22.73 2.88
N LEU A 316 16.30 21.85 3.86
CA LEU A 316 15.88 22.18 5.23
C LEU A 316 17.02 21.89 6.19
N ALA A 317 17.21 22.80 7.18
CA ALA A 317 18.12 22.58 8.30
C ALA A 317 17.32 22.03 9.48
N LEU A 318 17.31 20.71 9.61
CA LEU A 318 16.66 19.98 10.71
C LEU A 318 17.65 19.34 11.67
N ALA B 43 2.32 -36.77 19.85
CA ALA B 43 1.80 -35.56 20.47
C ALA B 43 2.39 -34.33 19.78
N LEU B 44 3.53 -33.86 20.25
CA LEU B 44 3.97 -32.52 19.89
C LEU B 44 4.66 -32.52 18.52
N TYR B 45 4.73 -31.33 17.92
CA TYR B 45 5.09 -31.19 16.52
C TYR B 45 6.17 -30.13 16.32
N GLU B 46 7.09 -30.41 15.40
CA GLU B 46 8.13 -29.46 15.03
C GLU B 46 8.17 -29.32 13.52
N ASP B 47 7.91 -28.09 13.01
CA ASP B 47 7.80 -27.83 11.59
C ASP B 47 9.19 -27.90 10.94
N PRO B 48 9.32 -28.56 9.79
CA PRO B 48 10.64 -28.63 9.11
C PRO B 48 11.15 -27.26 8.74
N PRO B 49 12.45 -27.13 8.52
CA PRO B 49 13.02 -25.83 8.13
C PRO B 49 12.47 -25.36 6.79
N ASP B 50 12.58 -24.05 6.58
CA ASP B 50 12.04 -23.43 5.38
C ASP B 50 12.80 -23.89 4.13
N GLN B 51 12.10 -24.52 3.19
CA GLN B 51 12.66 -24.73 1.86
C GLN B 51 12.30 -23.52 1.01
N LYS B 52 13.31 -22.77 0.58
CA LYS B 52 13.08 -21.54 -0.17
C LYS B 52 13.46 -21.69 -1.65
N THR B 53 13.49 -22.92 -2.15
CA THR B 53 13.88 -23.23 -3.51
C THR B 53 12.83 -24.16 -4.09
N SER B 54 12.39 -23.90 -5.30
CA SER B 54 11.32 -24.70 -5.88
C SER B 54 11.92 -26.01 -6.39
N PRO B 55 11.08 -27.00 -6.70
CA PRO B 55 11.65 -28.27 -7.19
C PRO B 55 12.52 -28.09 -8.42
N SER B 56 12.15 -27.18 -9.32
CA SER B 56 13.03 -26.91 -10.45
C SER B 56 14.23 -26.03 -10.06
N GLY B 57 14.39 -25.66 -8.79
CA GLY B 57 15.57 -24.95 -8.35
C GLY B 57 15.45 -23.43 -8.32
N LYS B 58 14.29 -22.87 -8.61
CA LYS B 58 14.17 -21.41 -8.60
C LYS B 58 13.96 -20.90 -7.17
N PRO B 59 14.59 -19.79 -6.80
CA PRO B 59 14.41 -19.27 -5.44
C PRO B 59 13.06 -18.57 -5.25
N ALA B 60 12.56 -18.69 -4.02
CA ALA B 60 11.29 -18.07 -3.67
C ALA B 60 11.37 -16.56 -3.85
N THR B 61 10.33 -16.00 -4.45
CA THR B 61 10.21 -14.56 -4.62
C THR B 61 9.05 -13.94 -3.88
N LEU B 62 8.12 -14.75 -3.37
CA LEU B 62 6.92 -14.27 -2.71
C LEU B 62 6.72 -15.04 -1.42
N LYS B 63 6.46 -14.33 -0.34
CA LYS B 63 6.22 -14.90 0.99
C LYS B 63 4.90 -14.36 1.50
N ILE B 64 3.91 -15.24 1.68
CA ILE B 64 2.58 -14.87 2.16
C ILE B 64 2.37 -15.46 3.55
N CYS B 65 1.90 -14.65 4.47
CA CYS B 65 1.61 -15.11 5.82
C CYS B 65 0.13 -14.91 6.07
N SER B 66 -0.51 -15.89 6.67
CA SER B 66 -1.91 -15.82 7.00
C SER B 66 -2.10 -16.14 8.48
N TRP B 67 -2.98 -15.40 9.17
CA TRP B 67 -3.07 -15.55 10.63
C TRP B 67 -4.45 -15.17 11.12
N ASN B 68 -5.17 -16.11 11.73
CA ASN B 68 -6.40 -15.79 12.45
C ASN B 68 -5.95 -15.21 13.79
N VAL B 69 -6.13 -13.90 13.95
CA VAL B 69 -5.60 -13.20 15.14
C VAL B 69 -6.61 -13.19 16.27
N ASP B 70 -7.85 -13.62 16.00
CA ASP B 70 -8.93 -13.78 16.98
C ASP B 70 -8.95 -12.60 17.94
N GLY B 71 -9.27 -11.42 17.41
CA GLY B 71 -9.17 -10.17 18.17
C GLY B 71 -7.91 -9.41 17.81
N LEU B 72 -8.03 -8.54 16.79
CA LEU B 72 -6.89 -7.81 16.26
C LEU B 72 -6.25 -6.92 17.33
N ARG B 73 -7.08 -6.27 18.12
CA ARG B 73 -6.52 -5.35 19.11
C ARG B 73 -5.78 -6.09 20.22
N ALA B 74 -6.35 -7.21 20.72
CA ALA B 74 -5.66 -8.04 21.68
C ALA B 74 -4.38 -8.63 21.09
N TRP B 75 -4.45 -9.12 19.85
CA TRP B 75 -3.26 -9.66 19.18
C TRP B 75 -2.13 -8.63 19.11
N ILE B 76 -2.45 -7.38 18.76
CA ILE B 76 -1.45 -6.32 18.72
C ILE B 76 -0.88 -6.09 20.11
N LYS B 77 -1.73 -6.12 21.15
CA LYS B 77 -1.19 -6.01 22.50
C LYS B 77 -0.29 -7.17 22.88
N LYS B 78 -0.53 -8.37 22.34
CA LYS B 78 0.32 -9.52 22.60
C LYS B 78 1.47 -9.63 21.62
N LYS B 79 1.79 -8.52 20.95
CA LYS B 79 3.02 -8.33 20.18
C LYS B 79 3.00 -9.02 18.82
N GLY B 80 1.79 -9.29 18.31
CA GLY B 80 1.66 -9.89 17.00
C GLY B 80 2.41 -9.15 15.91
N LEU B 81 2.40 -7.81 15.96
CA LEU B 81 3.06 -7.06 14.88
C LEU B 81 4.56 -7.20 14.94
N ASP B 82 5.11 -7.37 16.15
CA ASP B 82 6.53 -7.64 16.28
C ASP B 82 6.88 -8.93 15.56
N TRP B 83 6.10 -9.99 15.76
CA TRP B 83 6.36 -11.23 15.05
C TRP B 83 6.26 -11.04 13.54
N VAL B 84 5.22 -10.33 13.08
CA VAL B 84 5.06 -10.08 11.66
C VAL B 84 6.29 -9.36 11.09
N LYS B 85 6.76 -8.32 11.78
CA LYS B 85 7.91 -7.58 11.27
C LYS B 85 9.12 -8.49 11.15
N GLU B 86 9.29 -9.40 12.10
CA GLU B 86 10.37 -10.39 12.02
C GLU B 86 10.17 -11.36 10.85
N GLU B 87 8.95 -11.86 10.67
CA GLU B 87 8.66 -12.78 9.57
C GLU B 87 8.80 -12.10 8.21
N ALA B 88 8.55 -10.80 8.17
CA ALA B 88 8.68 -9.99 6.96
C ALA B 88 8.02 -10.55 5.69
N PRO B 89 6.74 -10.92 5.75
CA PRO B 89 6.07 -11.42 4.55
C PRO B 89 5.84 -10.29 3.56
N ASP B 90 5.74 -10.65 2.27
CA ASP B 90 5.29 -9.67 1.29
C ASP B 90 3.82 -9.36 1.45
N ILE B 91 3.02 -10.34 1.88
CA ILE B 91 1.59 -10.14 2.05
C ILE B 91 1.20 -10.82 3.35
N LEU B 92 0.31 -10.17 4.09
CA LEU B 92 -0.22 -10.65 5.38
C LEU B 92 -1.74 -10.65 5.32
N CYS B 93 -2.34 -11.83 5.52
CA CYS B 93 -3.79 -11.95 5.56
C CYS B 93 -4.19 -12.24 6.99
N LEU B 94 -5.19 -11.52 7.49
CA LEU B 94 -5.64 -11.64 8.87
C LEU B 94 -7.12 -11.97 8.91
N GLN B 95 -7.50 -12.88 9.81
CA GLN B 95 -8.90 -13.22 9.97
C GLN B 95 -9.34 -13.07 11.41
N GLU B 96 -10.66 -12.90 11.55
CA GLU B 96 -11.36 -12.80 12.81
C GLU B 96 -10.81 -11.61 13.59
N THR B 97 -10.79 -10.47 12.91
CA THR B 97 -10.19 -9.27 13.50
C THR B 97 -11.06 -8.68 14.59
N LYS B 98 -12.38 -8.81 14.50
CA LYS B 98 -13.31 -8.24 15.48
C LYS B 98 -12.94 -6.78 15.78
N CYS B 99 -12.93 -5.97 14.73
CA CYS B 99 -12.51 -4.57 14.87
C CYS B 99 -12.98 -3.79 13.66
N SER B 100 -13.75 -2.72 13.89
CA SER B 100 -14.23 -1.92 12.75
C SER B 100 -13.09 -1.09 12.18
N GLU B 101 -13.22 -0.72 10.90
CA GLU B 101 -12.17 0.09 10.26
C GLU B 101 -11.80 1.29 11.11
N ASN B 102 -12.79 1.97 11.68
CA ASN B 102 -12.48 3.22 12.37
C ASN B 102 -11.77 3.01 13.70
N LYS B 103 -11.63 1.77 14.17
CA LYS B 103 -10.91 1.45 15.40
C LYS B 103 -9.59 0.73 15.14
N LEU B 104 -9.12 0.71 13.90
CA LEU B 104 -7.87 0.05 13.56
C LEU B 104 -6.72 0.84 14.15
N PRO B 105 -5.93 0.26 15.06
CA PRO B 105 -4.82 1.00 15.67
C PRO B 105 -3.84 1.52 14.62
N ALA B 106 -3.32 2.75 14.85
CA ALA B 106 -2.42 3.38 13.88
C ALA B 106 -1.07 2.67 13.84
N GLU B 107 -0.74 1.89 14.88
CA GLU B 107 0.45 1.05 14.82
C GLU B 107 0.50 0.16 13.58
N LEU B 108 -0.64 -0.13 12.97
CA LEU B 108 -0.63 -0.87 11.71
C LEU B 108 0.08 -0.12 10.59
N GLN B 109 0.04 1.21 10.58
CA GLN B 109 0.77 1.89 9.52
C GLN B 109 2.28 1.88 9.68
N GLU B 110 2.77 1.35 10.81
CA GLU B 110 4.19 1.26 11.09
C GLU B 110 4.82 0.01 10.53
N LEU B 111 4.08 -0.68 9.76
CA LEU B 111 4.47 -1.70 8.89
C LEU B 111 4.48 -0.95 7.60
N PRO B 112 5.54 -0.07 7.36
CA PRO B 112 5.49 0.54 6.03
C PRO B 112 5.91 -0.54 4.98
N GLY B 113 6.39 -1.77 5.35
CA GLY B 113 6.72 -2.89 4.43
C GLY B 113 5.47 -3.72 3.97
N LEU B 114 4.46 -3.32 4.55
CA LEU B 114 3.09 -3.86 4.32
C LEU B 114 2.14 -2.61 4.35
N SER B 115 2.44 -1.63 3.49
CA SER B 115 1.77 -0.33 3.66
C SER B 115 0.43 -0.25 2.96
N HIS B 116 0.13 -1.15 2.04
CA HIS B 116 -1.16 -1.15 1.37
C HIS B 116 -2.08 -2.11 2.12
N GLN B 117 -3.12 -1.56 2.76
CA GLN B 117 -3.91 -2.28 3.74
C GLN B 117 -5.39 -2.20 3.38
N TYR B 118 -6.06 -3.35 3.39
CA TYR B 118 -7.46 -3.49 2.99
C TYR B 118 -8.20 -4.26 4.07
N TRP B 119 -9.41 -3.83 4.38
CA TRP B 119 -10.13 -4.35 5.53
C TRP B 119 -11.58 -4.55 5.17
N SER B 120 -12.16 -5.63 5.67
CA SER B 120 -13.56 -5.93 5.42
C SER B 120 -14.21 -6.35 6.72
N ALA B 121 -15.11 -5.52 7.24
CA ALA B 121 -15.84 -5.78 8.48
C ALA B 121 -17.32 -6.00 8.24
N PRO B 122 -17.96 -6.78 9.18
CA PRO B 122 -19.38 -7.04 8.92
C PRO B 122 -20.45 -5.98 9.03
N SER B 123 -20.37 -5.05 9.95
CA SER B 123 -21.51 -4.11 10.10
C SER B 123 -22.78 -4.75 10.72
N GLY B 127 -20.64 -9.18 14.12
CA GLY B 127 -19.49 -8.57 14.80
C GLY B 127 -18.57 -9.64 15.41
N TYR B 128 -18.68 -10.88 14.90
CA TYR B 128 -17.72 -11.94 15.23
C TYR B 128 -16.89 -12.29 14.00
N SER B 129 -16.40 -11.29 13.30
CA SER B 129 -15.89 -11.52 11.96
C SER B 129 -14.82 -10.47 11.68
N GLY B 130 -14.56 -10.23 10.40
CA GLY B 130 -13.57 -9.24 10.02
C GLY B 130 -12.32 -9.89 9.46
N VAL B 131 -11.86 -9.42 8.31
CA VAL B 131 -10.61 -9.88 7.71
C VAL B 131 -9.84 -8.66 7.22
N GLY B 132 -8.54 -8.88 7.01
CA GLY B 132 -7.68 -7.86 6.46
C GLY B 132 -6.64 -8.46 5.54
N LEU B 133 -6.15 -7.63 4.62
CA LEU B 133 -5.08 -8.04 3.71
C LEU B 133 -4.12 -6.88 3.59
N LEU B 134 -2.86 -7.10 3.99
CA LEU B 134 -1.81 -6.07 4.02
C LEU B 134 -0.72 -6.51 3.08
N SER B 135 -0.24 -5.58 2.22
CA SER B 135 0.59 -5.99 1.11
C SER B 135 1.69 -4.97 0.89
N ARG B 136 2.88 -5.47 0.54
CA ARG B 136 4.02 -4.61 0.21
C ARG B 136 3.75 -3.80 -1.05
N GLN B 137 3.24 -4.45 -2.10
CA GLN B 137 2.83 -3.78 -3.33
C GLN B 137 1.30 -3.70 -3.41
N ALA B 138 0.78 -2.66 -4.04
CA ALA B 138 -0.67 -2.59 -4.19
C ALA B 138 -1.17 -3.70 -5.11
N PRO B 139 -2.23 -4.41 -4.75
CA PRO B 139 -2.83 -5.33 -5.73
C PRO B 139 -3.35 -4.51 -6.91
N LEU B 140 -3.49 -5.17 -8.05
CA LEU B 140 -4.06 -4.51 -9.21
C LEU B 140 -5.54 -4.19 -8.99
N LYS B 141 -6.27 -5.05 -8.28
CA LYS B 141 -7.67 -4.83 -7.96
C LYS B 141 -7.97 -5.54 -6.65
N VAL B 142 -8.79 -4.92 -5.80
CA VAL B 142 -9.21 -5.50 -4.53
C VAL B 142 -10.73 -5.47 -4.49
N SER B 143 -11.35 -6.58 -4.08
CA SER B 143 -12.80 -6.64 -3.92
C SER B 143 -13.15 -7.37 -2.61
N TYR B 144 -14.38 -7.21 -2.18
CA TYR B 144 -14.83 -7.69 -0.88
C TYR B 144 -16.06 -8.58 -1.04
N GLY B 145 -16.10 -9.71 -0.34
CA GLY B 145 -17.28 -10.56 -0.38
C GLY B 145 -17.23 -11.56 -1.51
N ILE B 146 -18.33 -12.27 -1.68
CA ILE B 146 -18.47 -13.30 -2.69
C ILE B 146 -19.72 -13.14 -3.57
N GLY B 147 -20.11 -11.91 -3.90
CA GLY B 147 -21.27 -11.65 -4.74
C GLY B 147 -22.60 -11.73 -4.00
N ASP B 148 -23.44 -10.71 -4.16
CA ASP B 148 -24.71 -10.56 -3.45
C ASP B 148 -24.90 -11.36 -2.16
N GLU B 154 -20.72 -9.99 5.03
CA GLU B 154 -20.40 -10.57 6.34
C GLU B 154 -18.96 -10.29 6.79
N GLY B 155 -18.15 -9.65 5.97
CA GLY B 155 -16.80 -9.32 6.44
C GLY B 155 -15.88 -10.52 6.51
N ARG B 156 -16.00 -11.45 5.56
CA ARG B 156 -15.30 -12.72 5.61
C ARG B 156 -14.30 -12.96 4.48
N VAL B 157 -14.39 -12.22 3.36
CA VAL B 157 -13.54 -12.50 2.21
C VAL B 157 -12.99 -11.21 1.60
N ILE B 158 -11.70 -11.23 1.28
CA ILE B 158 -11.10 -10.20 0.45
C ILE B 158 -10.44 -10.90 -0.73
N VAL B 159 -10.63 -10.35 -1.91
CA VAL B 159 -10.04 -10.85 -3.15
C VAL B 159 -9.08 -9.79 -3.67
N ALA B 160 -7.84 -10.19 -3.92
CA ALA B 160 -6.81 -9.25 -4.35
C ALA B 160 -6.11 -9.82 -5.57
N GLU B 161 -6.25 -9.15 -6.71
CA GLU B 161 -5.64 -9.63 -7.94
C GLU B 161 -4.25 -9.03 -8.09
N PHE B 162 -3.27 -9.86 -8.37
CA PHE B 162 -1.93 -9.40 -8.55
C PHE B 162 -1.52 -9.68 -9.98
N ASP B 163 -0.26 -9.41 -10.28
CA ASP B 163 0.31 -9.64 -11.57
C ASP B 163 -0.01 -11.00 -12.10
N SER B 164 0.59 -11.98 -11.47
CA SER B 164 0.46 -13.34 -11.95
C SER B 164 -0.51 -14.27 -11.23
N PHE B 165 -1.30 -13.77 -10.32
CA PHE B 165 -2.23 -14.60 -9.60
C PHE B 165 -3.24 -13.81 -8.85
N VAL B 166 -4.27 -14.50 -8.43
CA VAL B 166 -5.31 -13.90 -7.60
C VAL B 166 -5.25 -14.54 -6.22
N LEU B 167 -5.16 -13.71 -5.19
CA LEU B 167 -5.16 -14.14 -3.80
C LEU B 167 -6.55 -13.91 -3.21
N VAL B 168 -7.10 -14.92 -2.57
CA VAL B 168 -8.33 -14.80 -1.82
C VAL B 168 -8.00 -15.13 -0.38
N THR B 169 -8.39 -14.29 0.57
CA THR B 169 -8.32 -14.72 1.97
C THR B 169 -9.73 -14.81 2.53
N ALA B 170 -9.96 -15.83 3.37
CA ALA B 170 -11.31 -16.10 3.82
C ALA B 170 -11.31 -16.47 5.30
N TYR B 171 -12.39 -16.08 5.97
CA TYR B 171 -12.73 -16.50 7.31
C TYR B 171 -14.06 -17.22 7.20
N VAL B 172 -13.97 -18.52 6.97
CA VAL B 172 -15.14 -19.35 6.71
C VAL B 172 -15.98 -19.44 7.98
N PRO B 173 -17.31 -19.33 7.91
CA PRO B 173 -18.12 -19.30 9.12
C PRO B 173 -18.13 -20.64 9.83
N ASN B 174 -17.92 -20.58 11.14
CA ASN B 174 -17.93 -21.76 11.99
C ASN B 174 -19.34 -22.31 12.07
N ALA B 175 -19.43 -23.65 12.16
CA ALA B 175 -20.73 -24.29 12.27
C ALA B 175 -21.35 -24.10 13.66
N GLY B 176 -20.57 -23.69 14.65
CA GLY B 176 -21.19 -23.34 15.90
C GLY B 176 -21.30 -24.49 16.87
N ARG B 177 -21.27 -24.15 18.16
CA ARG B 177 -21.57 -25.09 19.23
C ARG B 177 -22.93 -25.73 18.98
N GLY B 178 -22.96 -27.06 19.04
CA GLY B 178 -24.18 -27.78 18.72
C GLY B 178 -24.69 -27.55 17.32
N LEU B 179 -23.79 -27.17 16.40
CA LEU B 179 -24.09 -27.07 14.96
C LEU B 179 -25.23 -26.11 14.66
N VAL B 180 -25.43 -25.07 15.48
CA VAL B 180 -26.56 -24.18 15.29
C VAL B 180 -26.47 -23.43 13.97
N ARG B 181 -25.25 -23.22 13.44
CA ARG B 181 -25.08 -22.53 12.17
C ARG B 181 -24.58 -23.45 11.06
N LEU B 182 -24.79 -24.77 11.19
CA LEU B 182 -24.31 -25.68 10.16
C LEU B 182 -25.03 -25.47 8.83
N GLU B 183 -26.33 -25.17 8.88
CA GLU B 183 -27.06 -24.91 7.64
C GLU B 183 -26.49 -23.71 6.91
N TYR B 184 -26.28 -22.62 7.65
CA TYR B 184 -25.63 -21.44 7.06
C TYR B 184 -24.27 -21.79 6.48
N ARG B 185 -23.46 -22.55 7.21
CA ARG B 185 -22.17 -22.93 6.68
C ARG B 185 -22.30 -23.72 5.39
N GLN B 186 -23.30 -24.61 5.29
CA GLN B 186 -23.43 -25.41 4.07
C GLN B 186 -23.77 -24.52 2.88
N ARG B 187 -24.70 -23.59 3.06
CA ARG B 187 -25.05 -22.64 2.00
C ARG B 187 -23.86 -21.75 1.65
N TRP B 188 -23.12 -21.31 2.66
CA TRP B 188 -21.95 -20.48 2.39
C TRP B 188 -20.90 -21.24 1.59
N ASP B 189 -20.65 -22.50 1.96
CA ASP B 189 -19.70 -23.33 1.22
C ASP B 189 -20.08 -23.40 -0.25
N GLU B 190 -21.37 -23.58 -0.54
CA GLU B 190 -21.79 -23.75 -1.92
C GLU B 190 -21.55 -22.47 -2.72
N ALA B 191 -22.05 -21.34 -2.20
CA ALA B 191 -21.82 -20.02 -2.81
C ALA B 191 -20.34 -19.75 -2.99
N PHE B 192 -19.52 -20.17 -2.02
CA PHE B 192 -18.09 -19.90 -2.09
C PHE B 192 -17.42 -20.66 -3.23
N ARG B 193 -17.65 -21.98 -3.35
CA ARG B 193 -16.97 -22.72 -4.43
C ARG B 193 -17.30 -22.13 -5.78
N LYS B 194 -18.58 -21.81 -5.98
CA LYS B 194 -19.07 -21.25 -7.23
C LYS B 194 -18.37 -19.95 -7.55
N PHE B 195 -18.39 -19.04 -6.58
CA PHE B 195 -17.67 -17.77 -6.71
C PHE B 195 -16.25 -18.01 -7.17
N LEU B 196 -15.54 -18.94 -6.52
CA LEU B 196 -14.14 -19.18 -6.78
C LEU B 196 -13.90 -19.73 -8.18
N LYS B 197 -14.91 -20.31 -8.83
CA LYS B 197 -14.69 -20.83 -10.17
C LYS B 197 -14.66 -19.70 -11.20
N GLY B 198 -15.48 -18.66 -11.02
CA GLY B 198 -15.37 -17.43 -11.79
C GLY B 198 -14.02 -16.75 -11.76
N LEU B 199 -13.13 -17.13 -10.82
CA LEU B 199 -11.83 -16.50 -10.67
C LEU B 199 -10.69 -17.35 -11.25
N ALA B 200 -10.57 -18.60 -10.78
CA ALA B 200 -9.46 -19.44 -11.21
C ALA B 200 -9.48 -19.70 -12.71
N SER B 201 -10.65 -19.57 -13.35
CA SER B 201 -10.72 -19.68 -14.79
C SER B 201 -10.10 -18.49 -15.51
N ARG B 202 -9.65 -17.48 -14.76
CA ARG B 202 -9.07 -16.26 -15.32
C ARG B 202 -7.57 -16.15 -15.11
N LYS B 203 -7.07 -16.62 -13.96
CA LYS B 203 -5.67 -16.55 -13.53
C LYS B 203 -5.47 -17.47 -12.34
N PRO B 204 -4.27 -17.97 -12.06
CA PRO B 204 -4.18 -18.97 -10.99
C PRO B 204 -4.50 -18.33 -9.64
N LEU B 205 -4.90 -19.21 -8.73
CA LEU B 205 -5.52 -18.84 -7.47
C LEU B 205 -4.69 -19.33 -6.29
N VAL B 206 -4.51 -18.44 -5.31
CA VAL B 206 -4.08 -18.81 -3.97
C VAL B 206 -5.22 -18.45 -3.03
N LEU B 207 -5.73 -19.43 -2.30
CA LEU B 207 -6.79 -19.21 -1.33
C LEU B 207 -6.18 -19.51 0.02
N CYS B 208 -6.26 -18.56 0.94
CA CYS B 208 -5.70 -18.80 2.26
C CYS B 208 -6.66 -18.33 3.33
N GLY B 209 -6.47 -18.86 4.53
CA GLY B 209 -7.18 -18.32 5.67
C GLY B 209 -7.69 -19.42 6.56
N ASP B 210 -8.66 -19.06 7.37
CA ASP B 210 -9.22 -20.00 8.34
C ASP B 210 -10.43 -20.61 7.66
N LEU B 211 -10.29 -21.84 7.19
CA LEU B 211 -11.40 -22.46 6.47
C LEU B 211 -12.32 -23.27 7.40
N ASN B 212 -11.95 -23.37 8.67
CA ASN B 212 -12.82 -23.92 9.69
C ASN B 212 -13.27 -25.33 9.34
N VAL B 213 -12.34 -26.13 8.86
CA VAL B 213 -12.56 -27.57 8.73
C VAL B 213 -11.21 -28.27 8.77
N ALA B 214 -11.14 -29.42 9.46
CA ALA B 214 -10.00 -30.32 9.32
C ALA B 214 -10.41 -31.35 8.26
N HIS B 215 -9.69 -31.36 7.13
CA HIS B 215 -10.12 -32.16 5.97
C HIS B 215 -10.26 -33.63 6.33
N GLU B 216 -9.24 -34.20 6.95
CA GLU B 216 -9.12 -35.64 7.19
C GLU B 216 -8.72 -35.90 8.63
N GLU B 217 -8.79 -37.18 9.05
CA GLU B 217 -8.49 -37.53 10.44
C GLU B 217 -7.08 -37.09 10.85
N ILE B 218 -6.12 -37.11 9.93
CA ILE B 218 -4.77 -36.69 10.24
C ILE B 218 -4.68 -35.19 10.54
N ASP B 219 -5.73 -34.43 10.24
CA ASP B 219 -5.69 -32.98 10.37
C ASP B 219 -6.16 -32.50 11.74
N LEU B 220 -6.56 -33.40 12.62
CA LEU B 220 -6.85 -33.01 13.99
C LEU B 220 -6.42 -34.13 14.92
N ARG B 221 -6.37 -33.80 16.20
CA ARG B 221 -5.88 -34.73 17.18
C ARG B 221 -6.92 -35.76 17.64
N ASN B 222 -8.20 -35.36 17.75
CA ASN B 222 -9.28 -36.23 18.23
C ASN B 222 -10.37 -36.46 17.17
N PRO B 223 -10.02 -37.11 16.05
CA PRO B 223 -11.07 -37.38 15.02
C PRO B 223 -12.34 -38.02 15.57
N LYS B 224 -12.23 -39.00 16.48
CA LYS B 224 -13.44 -39.74 16.89
C LYS B 224 -14.35 -38.91 17.78
N GLY B 225 -13.78 -38.16 18.73
CA GLY B 225 -14.65 -37.35 19.57
C GLY B 225 -15.28 -36.16 18.89
N ASN B 226 -14.98 -35.93 17.61
CA ASN B 226 -15.33 -34.68 16.95
C ASN B 226 -16.14 -34.86 15.68
N LYS B 227 -16.56 -36.07 15.36
CA LYS B 227 -17.28 -36.29 14.11
C LYS B 227 -18.63 -35.60 14.08
N LYS B 228 -19.13 -35.12 15.20
CA LYS B 228 -20.38 -34.37 15.21
C LYS B 228 -20.18 -32.95 15.73
N ASN B 229 -18.96 -32.44 15.68
CA ASN B 229 -18.65 -31.08 16.09
C ASN B 229 -18.20 -30.23 14.91
N ALA B 230 -18.54 -28.94 14.97
CA ALA B 230 -18.08 -27.97 14.00
C ALA B 230 -16.60 -28.16 13.70
N GLY B 231 -16.27 -28.21 12.41
CA GLY B 231 -14.93 -28.43 11.94
C GLY B 231 -14.67 -29.83 11.43
N PHE B 232 -15.51 -30.79 11.83
CA PHE B 232 -15.25 -32.18 11.44
C PHE B 232 -16.51 -32.96 11.14
N THR B 233 -17.63 -32.28 10.87
CA THR B 233 -18.85 -32.98 10.48
C THR B 233 -18.66 -33.60 9.12
N PRO B 234 -19.47 -34.63 8.77
CA PRO B 234 -19.45 -35.13 7.38
C PRO B 234 -19.67 -34.03 6.36
N GLN B 235 -20.67 -33.19 6.59
CA GLN B 235 -21.02 -32.13 5.65
C GLN B 235 -19.85 -31.18 5.41
N GLU B 236 -19.16 -30.77 6.48
CA GLU B 236 -18.05 -29.82 6.32
C GLU B 236 -16.86 -30.45 5.60
N ARG B 237 -16.52 -31.70 5.94
CA ARG B 237 -15.38 -32.33 5.28
C ARG B 237 -15.68 -32.60 3.80
N GLN B 238 -16.91 -33.02 3.49
CA GLN B 238 -17.32 -33.14 2.09
C GLN B 238 -17.26 -31.82 1.37
N GLY B 239 -17.65 -30.74 2.04
CA GLY B 239 -17.55 -29.44 1.40
C GLY B 239 -16.12 -29.06 1.06
N PHE B 240 -15.18 -29.39 1.94
CA PHE B 240 -13.78 -29.15 1.63
C PHE B 240 -13.37 -29.99 0.42
N GLY B 241 -13.78 -31.26 0.40
CA GLY B 241 -13.45 -32.09 -0.75
C GLY B 241 -14.03 -31.53 -2.03
N GLU B 242 -15.29 -31.05 -1.97
CA GLU B 242 -15.92 -30.43 -3.13
C GLU B 242 -15.17 -29.16 -3.54
N LEU B 243 -14.67 -28.41 -2.56
CA LEU B 243 -13.88 -27.23 -2.89
C LEU B 243 -12.66 -27.62 -3.70
N LEU B 244 -11.92 -28.62 -3.23
CA LEU B 244 -10.71 -29.04 -3.90
C LEU B 244 -11.00 -29.59 -5.28
N GLN B 245 -12.10 -30.33 -5.42
CA GLN B 245 -12.46 -31.01 -6.67
C GLN B 245 -12.95 -30.01 -7.72
N ALA B 246 -13.80 -29.07 -7.30
CA ALA B 246 -14.51 -28.19 -8.23
C ALA B 246 -13.65 -27.08 -8.79
N VAL B 247 -12.78 -26.47 -7.98
CA VAL B 247 -12.13 -25.24 -8.45
C VAL B 247 -11.18 -25.49 -9.64
N PRO B 248 -10.26 -26.46 -9.56
CA PRO B 248 -9.69 -27.32 -8.52
C PRO B 248 -8.57 -26.63 -7.75
N LEU B 249 -8.28 -27.12 -6.55
CA LEU B 249 -7.18 -26.62 -5.74
C LEU B 249 -6.45 -27.78 -5.09
N ALA B 250 -5.20 -27.55 -4.76
CA ALA B 250 -4.33 -28.43 -4.01
C ALA B 250 -4.06 -27.85 -2.62
N ASP B 251 -4.11 -28.69 -1.61
CA ASP B 251 -3.72 -28.33 -0.25
C ASP B 251 -2.20 -28.28 -0.17
N SER B 252 -1.64 -27.08 -0.02
CA SER B 252 -0.20 -26.94 -0.22
C SER B 252 0.60 -27.71 0.82
N PHE B 253 0.19 -27.63 2.09
CA PHE B 253 0.93 -28.32 3.15
C PHE B 253 0.88 -29.83 2.96
N ARG B 254 -0.31 -30.36 2.67
CA ARG B 254 -0.48 -31.81 2.48
C ARG B 254 0.23 -32.31 1.24
N HIS B 255 0.16 -31.56 0.15
CA HIS B 255 0.96 -31.88 -1.03
C HIS B 255 2.42 -32.13 -0.70
N LEU B 256 3.01 -31.28 0.16
CA LEU B 256 4.41 -31.41 0.54
C LEU B 256 4.64 -32.44 1.64
N TYR B 257 3.68 -32.64 2.53
CA TYR B 257 3.87 -33.42 3.74
C TYR B 257 2.70 -34.39 3.90
N PRO B 258 2.47 -35.26 2.90
CA PRO B 258 1.26 -36.08 2.90
C PRO B 258 1.15 -37.03 4.08
N ASN B 259 2.28 -37.43 4.69
CA ASN B 259 2.27 -38.40 5.78
C ASN B 259 2.53 -37.81 7.17
N THR B 260 2.57 -36.47 7.29
CA THR B 260 2.99 -35.83 8.54
C THR B 260 1.79 -35.61 9.46
N PRO B 261 1.70 -36.27 10.62
CA PRO B 261 0.58 -36.01 11.53
C PRO B 261 0.95 -34.97 12.59
N TYR B 262 -0.01 -34.62 13.42
CA TYR B 262 0.19 -33.74 14.58
C TYR B 262 0.55 -32.33 14.16
N ALA B 263 0.24 -31.95 12.91
CA ALA B 263 0.55 -30.61 12.40
C ALA B 263 -0.74 -29.82 12.44
N TYR B 264 -0.86 -28.91 13.41
CA TYR B 264 -2.11 -28.18 13.64
C TYR B 264 -1.86 -26.68 13.63
N THR B 265 -2.95 -25.93 13.47
CA THR B 265 -2.88 -24.47 13.47
C THR B 265 -3.83 -23.82 14.45
N PHE B 266 -4.66 -24.59 15.13
CA PHE B 266 -5.60 -24.10 16.13
C PHE B 266 -5.60 -25.06 17.33
N TRP B 267 -5.63 -24.49 18.54
CA TRP B 267 -5.85 -25.26 19.77
C TRP B 267 -6.78 -24.46 20.64
N THR B 268 -7.80 -25.10 21.24
CA THR B 268 -8.66 -24.36 22.15
C THR B 268 -7.83 -23.75 23.28
N TYR B 269 -8.20 -22.54 23.71
CA TYR B 269 -7.53 -21.93 24.84
C TYR B 269 -7.67 -22.75 26.11
N MET B 270 -8.66 -23.63 26.17
CA MET B 270 -8.99 -24.32 27.41
C MET B 270 -8.22 -25.63 27.53
N MET B 271 -8.22 -26.17 28.77
CA MET B 271 -7.71 -27.51 29.04
C MET B 271 -6.24 -27.65 28.65
N ASN B 272 -5.50 -26.54 28.61
CA ASN B 272 -4.09 -26.53 28.21
C ASN B 272 -3.84 -27.22 26.86
N ALA B 273 -4.79 -27.08 25.93
CA ALA B 273 -4.71 -27.84 24.69
C ALA B 273 -3.43 -27.55 23.90
N ARG B 274 -3.00 -26.28 23.85
CA ARG B 274 -1.84 -25.98 23.01
C ARG B 274 -0.56 -26.62 23.54
N SER B 275 -0.37 -26.64 24.86
CA SER B 275 0.85 -27.26 25.38
C SER B 275 0.84 -28.77 25.20
N LYS B 276 -0.33 -29.39 25.15
CA LYS B 276 -0.44 -30.81 24.82
C LYS B 276 -0.49 -31.07 23.31
N ASN B 277 -0.61 -30.02 22.50
CA ASN B 277 -0.82 -30.15 21.05
C ASN B 277 -2.07 -30.94 20.74
N VAL B 278 -3.15 -30.62 21.45
CA VAL B 278 -4.48 -31.13 21.14
C VAL B 278 -5.10 -30.07 20.25
N GLY B 279 -4.88 -30.20 18.93
CA GLY B 279 -5.16 -29.14 18.00
C GLY B 279 -5.89 -29.61 16.76
N TRP B 280 -6.14 -28.65 15.87
CA TRP B 280 -6.78 -28.86 14.58
C TRP B 280 -6.00 -28.09 13.53
N ARG B 281 -6.03 -28.57 12.30
CA ARG B 281 -5.41 -27.84 11.21
C ARG B 281 -6.59 -27.21 10.49
N LEU B 282 -6.85 -25.95 10.79
CA LEU B 282 -7.98 -25.23 10.21
C LEU B 282 -7.57 -24.15 9.22
N ASP B 283 -6.27 -23.86 9.11
CA ASP B 283 -5.74 -22.74 8.34
C ASP B 283 -4.86 -23.30 7.23
N TYR B 284 -5.16 -22.90 5.99
CA TYR B 284 -4.58 -23.52 4.82
C TYR B 284 -4.12 -22.47 3.83
N PHE B 285 -3.16 -22.87 2.99
CA PHE B 285 -2.93 -22.29 1.67
C PHE B 285 -3.35 -23.31 0.63
N LEU B 286 -4.34 -22.98 -0.17
CA LEU B 286 -4.78 -23.83 -1.28
C LEU B 286 -4.40 -23.17 -2.59
N LEU B 287 -3.91 -23.95 -3.56
CA LEU B 287 -3.32 -23.41 -4.78
C LEU B 287 -3.91 -24.12 -5.99
N SER B 288 -4.02 -23.35 -7.08
CA SER B 288 -4.24 -23.95 -8.38
C SER B 288 -3.14 -24.95 -8.70
N HIS B 289 -3.49 -26.01 -9.46
CA HIS B 289 -2.50 -26.99 -9.86
CA HIS B 289 -2.49 -26.98 -9.85
C HIS B 289 -1.34 -26.34 -10.60
N SER B 290 -1.61 -25.32 -11.40
CA SER B 290 -0.57 -24.68 -12.19
C SER B 290 0.46 -23.94 -11.35
N LEU B 291 0.21 -23.76 -10.06
CA LEU B 291 1.17 -23.12 -9.18
C LEU B 291 2.03 -24.12 -8.40
N LEU B 292 1.73 -25.41 -8.48
CA LEU B 292 2.54 -26.41 -7.80
C LEU B 292 4.00 -26.36 -8.22
N PRO B 293 4.36 -26.17 -9.48
CA PRO B 293 5.78 -25.98 -9.81
C PRO B 293 6.39 -24.76 -9.15
N ALA B 294 5.59 -23.79 -8.70
CA ALA B 294 6.14 -22.63 -8.01
C ALA B 294 6.22 -22.83 -6.51
N LEU B 295 5.61 -23.88 -5.97
CA LEU B 295 5.55 -24.06 -4.53
C LEU B 295 6.93 -24.43 -3.97
N CYS B 296 7.44 -23.62 -3.06
CA CYS B 296 8.69 -23.90 -2.35
C CYS B 296 8.45 -24.57 -1.00
N ASP B 297 7.55 -24.02 -0.21
CA ASP B 297 7.26 -24.60 1.09
C ASP B 297 5.95 -24.01 1.59
N SER B 298 5.34 -24.67 2.57
CA SER B 298 4.12 -24.19 3.22
C SER B 298 4.28 -24.49 4.69
N LYS B 299 4.44 -23.44 5.53
CA LYS B 299 4.89 -23.59 6.91
C LYS B 299 3.76 -23.45 7.91
N ILE B 300 3.99 -24.05 9.08
CA ILE B 300 3.13 -23.88 10.23
C ILE B 300 4.01 -23.32 11.34
N ARG B 301 3.75 -22.05 11.71
CA ARG B 301 4.56 -21.34 12.69
C ARG B 301 4.02 -21.60 14.10
N SER B 302 4.20 -22.86 14.55
CA SER B 302 3.59 -23.33 15.79
C SER B 302 3.96 -22.49 17.03
N LYS B 303 5.14 -21.84 17.03
CA LYS B 303 5.62 -21.15 18.23
C LYS B 303 5.14 -19.72 18.34
N ALA B 304 4.60 -19.15 17.28
CA ALA B 304 4.21 -17.76 17.34
C ALA B 304 2.92 -17.61 18.16
N LEU B 305 2.99 -16.90 19.29
CA LEU B 305 1.83 -16.72 20.13
C LEU B 305 1.04 -15.46 19.76
N GLY B 306 -0.07 -15.23 20.48
CA GLY B 306 -0.89 -14.06 20.26
C GLY B 306 -2.33 -14.37 19.94
N SER B 307 -2.67 -15.65 19.77
CA SER B 307 -4.00 -16.09 19.32
C SER B 307 -4.15 -17.55 19.71
N ASP B 308 -5.37 -18.05 19.56
CA ASP B 308 -5.58 -19.51 19.59
C ASP B 308 -5.37 -20.17 18.22
N HIS B 309 -5.04 -19.40 17.18
CA HIS B 309 -4.39 -19.94 15.99
C HIS B 309 -2.95 -19.48 15.92
N CYS B 310 -2.14 -20.25 15.19
CA CYS B 310 -0.77 -19.84 14.86
C CYS B 310 -0.70 -19.42 13.40
N PRO B 311 0.33 -18.64 13.03
CA PRO B 311 0.47 -18.21 11.63
C PRO B 311 0.83 -19.38 10.72
N ILE B 312 0.46 -19.25 9.46
CA ILE B 312 1.01 -20.12 8.41
C ILE B 312 1.67 -19.25 7.38
N THR B 313 2.72 -19.76 6.74
CA THR B 313 3.47 -19.00 5.75
C THR B 313 3.69 -19.80 4.48
N LEU B 314 3.53 -19.14 3.33
CA LEU B 314 3.69 -19.78 2.03
C LEU B 314 4.88 -19.13 1.32
N TYR B 315 5.78 -19.95 0.76
CA TYR B 315 6.82 -19.48 -0.15
C TYR B 315 6.55 -19.94 -1.58
N LEU B 316 6.51 -19.00 -2.52
CA LEU B 316 6.36 -19.27 -3.94
C LEU B 316 7.49 -18.66 -4.76
N ALA B 317 7.88 -19.37 -5.81
CA ALA B 317 8.89 -18.88 -6.74
C ALA B 317 8.15 -18.47 -8.00
N LEU B 318 7.96 -17.17 -8.16
CA LEU B 318 7.17 -16.64 -9.27
C LEU B 318 8.05 -15.86 -10.21
O5' DV3 C 11 -1.01 19.72 -17.08
O5' DV3 C 11 -1.08 19.83 -16.63
P DV3 C 11 -0.07 18.39 -17.35
P DV3 C 11 -0.60 18.31 -17.10
SP3 DV3 C 11 -0.62 16.99 -15.89
SP3 DV3 C 11 1.52 18.26 -17.25
OP2 DV3 C 11 -1.08 17.20 -15.98
OP3 DV3 C 11 1.60 18.52 -17.51
C2' DV3 C 11 -1.39 24.12 -17.82
C2' DV3 C 11 -1.83 24.21 -17.55
C5' DV3 C 11 -0.68 20.98 -17.57
C5' DV3 C 11 -0.93 20.85 -17.56
C4' DV3 C 11 -1.94 21.80 -17.66
C4' DV3 C 11 -2.07 21.81 -17.50
O4' DV3 C 11 -2.34 22.25 -16.51
O4' DV3 C 11 -2.33 22.12 -16.27
C1' DV3 C 11 -2.08 23.78 -16.45
C1' DV3 C 11 -2.02 23.64 -16.10
C3' DV3 C 11 -1.63 23.11 -18.62
C3' DV3 C 11 -1.64 23.19 -18.32
O3' DV3 C 11 -2.77 23.34 -19.48
O3' DV3 C 11 -2.48 23.34 -19.47
#